data_1B3X
#
_entry.id   1B3X
#
_cell.length_a   81.762
_cell.length_b   81.762
_cell.length_c   113.536
_cell.angle_alpha   90.00
_cell.angle_beta   90.00
_cell.angle_gamma   120.00
#
_symmetry.space_group_name_H-M   'P 31 2 1'
#
loop_
_entity.id
_entity.type
_entity.pdbx_description
1 polymer 'PROTEIN (XYLANASE)'
2 branched beta-D-xylopyranose-(1-4)-beta-D-xylopyranose-(1-4)-beta-D-xylopyranose
3 non-polymer beta-D-xylopyranose
4 water water
#
_entity_poly.entity_id   1
_entity_poly.type   'polypeptide(L)'
_entity_poly.pdbx_seq_one_letter_code
;(PCA)ASVSIDAKFKAHGKKYLGTIGDQYTLTKNTKNPAIIKADFGQLTPENSMKWDATEPNRGQFTFSGSDYLVNFAQS
NGKLIRGHTLVWHSQLPGWVSSITDKNTLISVLKNHITTVMTRYKGKIYAWDVLNEIFNEDGSLRNSVFYNVIGEDYVRI
AFETARSVDPNAKLYINDYNLDSAGYSKVNGMVSHVKKWLAAGIPIDGIGSQTHLGAGAGSAVAGALNALASAGTKEIAI
TELDIAGASSTDYVNVVNACLNQAKCVGITVWGVADPDSWRSSSSPLLFDGNYNPKAAYNAIANAL
;
_entity_poly.pdbx_strand_id   A
#
# COMPACT_ATOMS: atom_id res chain seq x y z
N ALA A 2 19.16 7.35 11.01
CA ALA A 2 20.16 6.31 11.23
C ALA A 2 21.25 6.55 10.17
N SER A 3 22.50 6.43 10.60
CA SER A 3 23.65 6.64 9.70
C SER A 3 23.61 5.76 8.46
N VAL A 4 23.22 4.50 8.63
CA VAL A 4 23.12 3.55 7.53
C VAL A 4 21.67 3.53 7.01
N SER A 5 21.50 3.73 5.71
CA SER A 5 20.17 3.72 5.11
C SER A 5 19.74 2.34 4.62
N ILE A 6 18.67 1.78 5.19
CA ILE A 6 18.23 0.47 4.74
C ILE A 6 17.66 0.53 3.32
N ASP A 7 17.19 1.71 2.93
CA ASP A 7 16.66 1.90 1.58
C ASP A 7 17.83 1.76 0.61
N ALA A 8 18.93 2.43 0.91
CA ALA A 8 20.11 2.38 0.05
C ALA A 8 20.61 0.95 -0.08
N LYS A 9 20.67 0.23 1.05
CA LYS A 9 21.14 -1.16 1.06
C LYS A 9 20.18 -2.10 0.33
N PHE A 10 18.88 -1.83 0.41
CA PHE A 10 17.89 -2.66 -0.26
C PHE A 10 17.99 -2.41 -1.75
N LYS A 11 18.13 -1.15 -2.14
CA LYS A 11 18.24 -0.80 -3.54
C LYS A 11 19.49 -1.42 -4.15
N ALA A 12 20.54 -1.56 -3.35
CA ALA A 12 21.80 -2.14 -3.80
C ALA A 12 21.59 -3.58 -4.28
N HIS A 13 20.53 -4.23 -3.79
CA HIS A 13 20.21 -5.60 -4.19
C HIS A 13 19.27 -5.64 -5.40
N GLY A 14 19.10 -4.50 -6.07
CA GLY A 14 18.24 -4.45 -7.24
C GLY A 14 16.77 -4.19 -6.96
N LYS A 15 16.44 -3.86 -5.71
CA LYS A 15 15.06 -3.55 -5.35
C LYS A 15 14.79 -2.08 -5.64
N LYS A 16 13.52 -1.73 -5.81
CA LYS A 16 13.17 -0.36 -6.11
C LYS A 16 13.18 0.59 -4.92
N TYR A 17 12.77 0.11 -3.75
CA TYR A 17 12.75 0.97 -2.56
C TYR A 17 12.42 0.20 -1.30
N LEU A 18 12.70 0.84 -0.18
CA LEU A 18 12.34 0.35 1.15
C LEU A 18 11.82 1.69 1.66
N GLY A 19 10.50 1.84 1.71
CA GLY A 19 9.89 3.09 2.12
C GLY A 19 9.03 3.08 3.38
N THR A 20 8.35 4.20 3.61
CA THR A 20 7.50 4.34 4.79
C THR A 20 6.31 5.25 4.45
N ILE A 21 5.59 5.73 5.47
CA ILE A 21 4.44 6.59 5.25
C ILE A 21 4.59 7.96 5.89
N GLY A 22 3.65 8.86 5.55
CA GLY A 22 3.69 10.19 6.11
C GLY A 22 2.51 11.01 5.67
N ASP A 23 2.43 12.21 6.23
CA ASP A 23 1.39 13.19 5.94
C ASP A 23 1.85 14.43 6.70
N GLN A 24 1.15 15.55 6.55
CA GLN A 24 1.57 16.79 7.21
C GLN A 24 1.96 16.71 8.68
N TYR A 25 1.13 16.10 9.52
CA TYR A 25 1.43 16.00 10.94
C TYR A 25 2.76 15.31 11.28
N THR A 26 2.93 14.05 10.89
CA THR A 26 4.18 13.35 11.21
C THR A 26 5.41 13.94 10.52
N LEU A 27 5.21 14.62 9.39
CA LEU A 27 6.34 15.24 8.69
C LEU A 27 6.78 16.55 9.34
N THR A 28 5.96 17.09 10.25
CA THR A 28 6.29 18.35 10.92
C THR A 28 6.19 18.33 12.46
N LYS A 29 5.79 17.20 13.06
CA LYS A 29 5.65 17.14 14.52
C LYS A 29 6.95 17.32 15.32
N ASN A 30 8.08 17.07 14.67
CA ASN A 30 9.40 17.23 15.26
C ASN A 30 10.43 17.23 14.15
N THR A 31 11.71 17.31 14.52
CA THR A 31 12.78 17.36 13.54
C THR A 31 13.30 16.00 13.10
N LYS A 32 13.27 15.02 14.00
CA LYS A 32 13.76 13.69 13.70
C LYS A 32 12.97 12.88 12.69
N ASN A 33 11.64 12.98 12.74
CA ASN A 33 10.82 12.21 11.81
C ASN A 33 11.08 12.50 10.34
N PRO A 34 10.95 13.77 9.90
CA PRO A 34 11.22 14.05 8.49
C PRO A 34 12.67 13.77 8.12
N ALA A 35 13.56 13.95 9.09
CA ALA A 35 14.99 13.71 8.87
C ALA A 35 15.24 12.22 8.68
N ILE A 36 14.51 11.38 9.39
CA ILE A 36 14.64 9.93 9.25
C ILE A 36 14.13 9.53 7.87
N ILE A 37 12.98 10.09 7.49
CA ILE A 37 12.37 9.78 6.20
C ILE A 37 13.31 10.12 5.05
N LYS A 38 13.94 11.28 5.12
CA LYS A 38 14.86 11.71 4.07
C LYS A 38 16.16 10.90 4.00
N ALA A 39 16.66 10.47 5.15
CA ALA A 39 17.90 9.71 5.19
C ALA A 39 17.83 8.21 5.00
N ASP A 40 16.81 7.56 5.55
CA ASP A 40 16.73 6.10 5.51
C ASP A 40 15.69 5.40 4.65
N PHE A 41 14.75 6.15 4.07
CA PHE A 41 13.68 5.56 3.26
C PHE A 41 13.65 6.19 1.89
N GLY A 42 13.17 5.44 0.88
CA GLY A 42 13.16 5.98 -0.47
C GLY A 42 11.80 6.09 -1.15
N GLN A 43 10.74 5.88 -0.39
CA GLN A 43 9.40 5.94 -0.93
C GLN A 43 8.46 6.35 0.19
N LEU A 44 7.35 6.98 -0.19
CA LEU A 44 6.34 7.44 0.76
C LEU A 44 4.93 7.14 0.28
N THR A 45 4.09 6.69 1.20
CA THR A 45 2.69 6.42 0.93
C THR A 45 1.93 7.35 1.87
N PRO A 46 0.94 8.09 1.36
CA PRO A 46 0.20 8.97 2.28
C PRO A 46 -0.62 8.10 3.22
N GLU A 47 -0.47 8.31 4.52
CA GLU A 47 -1.20 7.51 5.50
C GLU A 47 -2.72 7.68 5.43
N ASN A 48 -3.21 8.88 5.09
CA ASN A 48 -4.65 9.15 5.02
C ASN A 48 -5.13 10.18 4.02
N SER A 49 -4.25 11.09 3.60
CA SER A 49 -4.64 12.18 2.70
C SER A 49 -5.17 11.87 1.30
N MET A 50 -4.95 10.66 0.78
CA MET A 50 -5.46 10.35 -0.55
C MET A 50 -6.69 9.45 -0.54
N LYS A 51 -7.19 9.12 0.64
CA LYS A 51 -8.38 8.28 0.76
C LYS A 51 -9.63 9.04 0.33
N TRP A 52 -10.70 8.32 0.02
CA TRP A 52 -11.93 8.93 -0.46
C TRP A 52 -12.51 10.00 0.50
N ASP A 53 -12.53 9.71 1.80
CA ASP A 53 -13.06 10.67 2.77
C ASP A 53 -12.28 11.98 2.81
N ALA A 54 -10.99 11.90 2.54
CA ALA A 54 -10.12 13.07 2.57
C ALA A 54 -9.98 13.78 1.23
N THR A 55 -10.41 13.14 0.14
CA THR A 55 -10.28 13.75 -1.18
C THR A 55 -11.60 14.19 -1.80
N GLU A 56 -12.68 13.48 -1.52
CA GLU A 56 -13.96 13.87 -2.09
C GLU A 56 -15.04 13.73 -1.02
N PRO A 57 -15.00 14.59 0.02
CA PRO A 57 -15.96 14.61 1.13
C PRO A 57 -17.41 14.79 0.70
N ASN A 58 -17.62 15.47 -0.42
CA ASN A 58 -18.95 15.71 -0.96
C ASN A 58 -18.87 15.40 -2.44
N ARG A 59 -19.99 14.92 -2.99
CA ARG A 59 -20.08 14.56 -4.39
C ARG A 59 -19.58 15.62 -5.38
N GLY A 60 -18.47 15.31 -6.04
CA GLY A 60 -17.89 16.21 -7.03
C GLY A 60 -17.09 17.39 -6.48
N GLN A 61 -16.87 17.42 -5.17
CA GLN A 61 -16.11 18.51 -4.56
C GLN A 61 -14.91 17.90 -3.86
N PHE A 62 -13.75 18.21 -4.43
CA PHE A 62 -12.48 17.69 -3.98
C PHE A 62 -11.67 18.59 -3.05
N THR A 63 -10.98 17.94 -2.12
CA THR A 63 -10.16 18.62 -1.14
C THR A 63 -8.78 17.98 -1.19
N PHE A 64 -7.83 18.66 -1.83
CA PHE A 64 -6.49 18.12 -2.00
C PHE A 64 -5.37 18.78 -1.21
N SER A 65 -5.68 19.45 -0.11
CA SER A 65 -4.62 20.11 0.66
C SER A 65 -3.58 19.15 1.23
N GLY A 66 -4.06 18.14 1.95
CA GLY A 66 -3.18 17.16 2.57
C GLY A 66 -2.38 16.34 1.57
N SER A 67 -3.05 15.84 0.53
CA SER A 67 -2.38 15.04 -0.48
C SER A 67 -1.34 15.86 -1.25
N ASP A 68 -1.63 17.12 -1.53
CA ASP A 68 -0.68 18.00 -2.23
C ASP A 68 0.59 18.11 -1.43
N TYR A 69 0.44 18.30 -0.12
CA TYR A 69 1.58 18.45 0.76
C TYR A 69 2.47 17.21 0.76
N LEU A 70 1.85 16.03 0.88
CA LEU A 70 2.59 14.77 0.89
C LEU A 70 3.35 14.57 -0.42
N VAL A 71 2.65 14.72 -1.54
CA VAL A 71 3.24 14.58 -2.87
C VAL A 71 4.39 15.57 -3.04
N ASN A 72 4.16 16.83 -2.65
CA ASN A 72 5.18 17.86 -2.78
C ASN A 72 6.41 17.56 -1.93
N PHE A 73 6.22 17.03 -0.72
CA PHE A 73 7.35 16.70 0.14
C PHE A 73 8.18 15.59 -0.48
N ALA A 74 7.50 14.55 -0.92
CA ALA A 74 8.15 13.40 -1.55
C ALA A 74 8.88 13.81 -2.83
N GLN A 75 8.20 14.53 -3.70
CA GLN A 75 8.80 14.98 -4.95
C GLN A 75 9.99 15.92 -4.72
N SER A 76 9.90 16.74 -3.67
CA SER A 76 10.98 17.69 -3.33
C SER A 76 12.20 17.01 -2.72
N ASN A 77 12.04 15.76 -2.30
CA ASN A 77 13.14 15.04 -1.67
C ASN A 77 13.51 13.71 -2.33
N GLY A 78 13.14 13.57 -3.59
CA GLY A 78 13.47 12.37 -4.34
C GLY A 78 12.89 11.06 -3.82
N LYS A 79 11.66 11.10 -3.31
CA LYS A 79 11.02 9.91 -2.81
C LYS A 79 9.93 9.44 -3.78
N LEU A 80 9.89 8.13 -4.05
CA LEU A 80 8.87 7.55 -4.92
C LEU A 80 7.57 7.64 -4.14
N ILE A 81 6.44 7.62 -4.84
CA ILE A 81 5.16 7.73 -4.18
C ILE A 81 4.22 6.61 -4.56
N ARG A 82 3.50 6.08 -3.57
CA ARG A 82 2.50 5.07 -3.83
C ARG A 82 1.19 5.76 -3.41
N GLY A 83 0.29 5.96 -4.38
CA GLY A 83 -0.99 6.56 -4.08
C GLY A 83 -1.85 5.54 -3.34
N HIS A 84 -2.63 5.99 -2.39
CA HIS A 84 -3.43 5.08 -1.58
C HIS A 84 -4.58 5.84 -0.93
N THR A 85 -5.82 5.46 -1.19
CA THR A 85 -6.19 4.35 -2.07
C THR A 85 -7.47 4.80 -2.78
N LEU A 86 -7.62 4.43 -4.04
CA LEU A 86 -8.76 4.87 -4.83
C LEU A 86 -10.15 4.31 -4.56
N VAL A 87 -10.25 2.99 -4.36
CA VAL A 87 -11.55 2.35 -4.12
C VAL A 87 -11.45 1.48 -2.88
N TRP A 88 -12.22 1.82 -1.86
CA TRP A 88 -12.18 1.07 -0.61
C TRP A 88 -13.52 1.24 0.12
N HIS A 89 -13.93 0.21 0.85
CA HIS A 89 -15.19 0.23 1.59
C HIS A 89 -15.10 0.99 2.92
N SER A 90 -13.88 1.17 3.41
CA SER A 90 -13.62 1.85 4.68
C SER A 90 -13.22 3.29 4.36
N GLN A 91 -13.42 4.20 5.29
CA GLN A 91 -13.10 5.63 5.11
C GLN A 91 -13.72 6.15 3.80
N LEU A 92 -14.95 5.72 3.55
CA LEU A 92 -15.72 6.08 2.38
C LEU A 92 -16.91 6.91 2.84
N PRO A 93 -17.06 8.14 2.29
CA PRO A 93 -18.17 9.03 2.66
C PRO A 93 -19.54 8.39 2.45
N GLY A 94 -20.47 8.76 3.32
CA GLY A 94 -21.82 8.22 3.25
C GLY A 94 -22.51 8.47 1.92
N TRP A 95 -22.18 9.57 1.25
CA TRP A 95 -22.82 9.87 -0.03
C TRP A 95 -22.54 8.81 -1.09
N VAL A 96 -21.40 8.15 -0.99
CA VAL A 96 -21.05 7.11 -1.97
C VAL A 96 -21.80 5.83 -1.63
N SER A 97 -21.67 5.38 -0.39
CA SER A 97 -22.32 4.15 0.05
C SER A 97 -23.85 4.15 0.01
N SER A 98 -24.46 5.31 -0.12
CA SER A 98 -25.92 5.38 -0.17
C SER A 98 -26.49 5.26 -1.59
N ILE A 99 -25.61 5.37 -2.59
CA ILE A 99 -26.02 5.25 -3.99
C ILE A 99 -26.47 3.83 -4.30
N THR A 100 -27.60 3.70 -4.98
CA THR A 100 -28.16 2.40 -5.34
C THR A 100 -28.27 2.13 -6.83
N ASP A 101 -28.12 3.17 -7.65
CA ASP A 101 -28.21 3.02 -9.10
C ASP A 101 -26.83 2.70 -9.66
N LYS A 102 -26.75 1.57 -10.36
CA LYS A 102 -25.51 1.08 -10.98
C LYS A 102 -24.77 2.12 -11.82
N ASN A 103 -25.45 2.69 -12.81
CA ASN A 103 -24.84 3.69 -13.68
C ASN A 103 -24.39 4.94 -12.94
N THR A 104 -25.12 5.30 -11.89
CA THR A 104 -24.77 6.48 -11.09
C THR A 104 -23.48 6.18 -10.31
N LEU A 105 -23.37 4.98 -9.75
CA LEU A 105 -22.17 4.62 -9.00
C LEU A 105 -20.95 4.54 -9.92
N ILE A 106 -21.13 3.97 -11.11
CA ILE A 106 -20.04 3.85 -12.07
C ILE A 106 -19.51 5.25 -12.46
N SER A 107 -20.43 6.18 -12.67
CA SER A 107 -20.09 7.55 -13.02
C SER A 107 -19.27 8.19 -11.89
N VAL A 108 -19.77 8.04 -10.66
CA VAL A 108 -19.11 8.57 -9.48
C VAL A 108 -17.72 7.94 -9.30
N LEU A 109 -17.65 6.63 -9.46
CA LEU A 109 -16.41 5.88 -9.33
C LEU A 109 -15.35 6.39 -10.32
N LYS A 110 -15.74 6.50 -11.58
CA LYS A 110 -14.84 6.97 -12.63
C LYS A 110 -14.39 8.41 -12.41
N ASN A 111 -15.30 9.27 -11.97
CA ASN A 111 -14.94 10.67 -11.73
C ASN A 111 -13.94 10.78 -10.58
N HIS A 112 -14.15 9.98 -9.53
CA HIS A 112 -13.24 10.00 -8.39
C HIS A 112 -11.84 9.53 -8.80
N ILE A 113 -11.77 8.40 -9.50
CA ILE A 113 -10.49 7.85 -9.95
C ILE A 113 -9.78 8.85 -10.87
N THR A 114 -10.52 9.37 -11.84
CA THR A 114 -10.00 10.33 -12.80
C THR A 114 -9.50 11.64 -12.18
N THR A 115 -10.28 12.24 -11.29
CA THR A 115 -9.84 13.50 -10.68
C THR A 115 -8.62 13.33 -9.78
N VAL A 116 -8.64 12.32 -8.92
CA VAL A 116 -7.50 12.10 -8.01
C VAL A 116 -6.24 11.72 -8.79
N MET A 117 -6.38 10.82 -9.77
CA MET A 117 -5.23 10.40 -10.56
C MET A 117 -4.68 11.49 -11.49
N THR A 118 -5.57 12.27 -12.08
CA THR A 118 -5.15 13.35 -12.97
C THR A 118 -4.35 14.42 -12.24
N ARG A 119 -4.72 14.70 -11.01
CA ARG A 119 -4.02 15.71 -10.24
C ARG A 119 -2.54 15.41 -10.03
N TYR A 120 -2.21 14.14 -9.93
CA TYR A 120 -0.82 13.72 -9.71
C TYR A 120 -0.28 12.89 -10.86
N LYS A 121 -0.89 13.04 -12.02
CA LYS A 121 -0.49 12.30 -13.22
C LYS A 121 1.01 12.41 -13.50
N GLY A 122 1.67 11.26 -13.56
CA GLY A 122 3.09 11.24 -13.83
C GLY A 122 3.99 11.32 -12.61
N LYS A 123 3.42 11.57 -11.43
CA LYS A 123 4.22 11.67 -10.20
C LYS A 123 4.09 10.46 -9.30
N ILE A 124 3.19 9.54 -9.65
CA ILE A 124 2.93 8.37 -8.84
C ILE A 124 3.56 7.08 -9.38
N TYR A 125 4.37 6.42 -8.56
CA TYR A 125 4.99 5.18 -8.98
C TYR A 125 3.93 4.09 -9.07
N ALA A 126 3.14 3.95 -8.01
CA ALA A 126 2.09 2.94 -7.97
C ALA A 126 0.85 3.46 -7.26
N TRP A 127 -0.31 2.98 -7.70
CA TRP A 127 -1.59 3.35 -7.12
C TRP A 127 -2.29 2.12 -6.58
N ASP A 128 -2.72 2.13 -5.32
CA ASP A 128 -3.49 1.01 -4.82
C ASP A 128 -4.87 1.37 -5.35
N VAL A 129 -5.21 0.85 -6.54
CA VAL A 129 -6.49 1.11 -7.17
C VAL A 129 -7.65 0.56 -6.34
N LEU A 130 -7.51 -0.70 -5.91
CA LEU A 130 -8.54 -1.37 -5.10
C LEU A 130 -7.92 -1.83 -3.78
N ASN A 131 -8.61 -1.59 -2.67
CA ASN A 131 -8.10 -1.97 -1.36
C ASN A 131 -9.10 -2.86 -0.60
N GLU A 132 -8.60 -3.99 -0.11
CA GLU A 132 -9.37 -4.94 0.69
C GLU A 132 -10.73 -5.38 0.14
N ILE A 133 -10.76 -5.90 -1.08
CA ILE A 133 -12.02 -6.31 -1.67
C ILE A 133 -12.38 -7.77 -1.44
N PHE A 134 -11.58 -8.48 -0.65
CA PHE A 134 -11.84 -9.90 -0.39
C PHE A 134 -12.23 -10.21 1.03
N ASN A 135 -13.08 -11.23 1.17
CA ASN A 135 -13.50 -11.73 2.46
C ASN A 135 -12.37 -12.71 2.80
N GLU A 136 -12.24 -13.08 4.07
CA GLU A 136 -11.18 -14.01 4.49
C GLU A 136 -11.20 -15.36 3.76
N ASP A 137 -12.38 -15.81 3.33
CA ASP A 137 -12.49 -17.09 2.63
C ASP A 137 -12.17 -16.99 1.14
N GLY A 138 -11.77 -15.82 0.68
CA GLY A 138 -11.42 -15.64 -0.73
C GLY A 138 -12.52 -15.15 -1.64
N SER A 139 -13.74 -15.03 -1.12
CA SER A 139 -14.84 -14.53 -1.92
C SER A 139 -14.77 -13.01 -1.92
N LEU A 140 -15.48 -12.39 -2.86
CA LEU A 140 -15.49 -10.94 -2.96
C LEU A 140 -16.32 -10.30 -1.87
N ARG A 141 -15.74 -9.29 -1.23
CA ARG A 141 -16.39 -8.56 -0.16
C ARG A 141 -17.60 -7.80 -0.69
N ASN A 142 -18.71 -7.92 0.02
CA ASN A 142 -19.94 -7.26 -0.38
C ASN A 142 -19.98 -5.79 0.02
N SER A 143 -19.15 -4.99 -0.64
CA SER A 143 -19.10 -3.55 -0.40
C SER A 143 -20.15 -2.93 -1.29
N VAL A 144 -20.35 -1.63 -1.17
CA VAL A 144 -21.34 -0.96 -2.02
C VAL A 144 -20.97 -1.17 -3.49
N PHE A 145 -19.68 -1.13 -3.80
CA PHE A 145 -19.21 -1.29 -5.16
C PHE A 145 -19.59 -2.66 -5.71
N TYR A 146 -19.31 -3.70 -4.93
CA TYR A 146 -19.65 -5.06 -5.33
C TYR A 146 -21.16 -5.26 -5.40
N ASN A 147 -21.87 -4.78 -4.37
CA ASN A 147 -23.33 -4.91 -4.30
C ASN A 147 -24.09 -4.21 -5.43
N VAL A 148 -23.73 -2.96 -5.71
CA VAL A 148 -24.42 -2.19 -6.75
C VAL A 148 -23.96 -2.44 -8.19
N ILE A 149 -22.65 -2.49 -8.40
CA ILE A 149 -22.11 -2.69 -9.74
C ILE A 149 -21.90 -4.15 -10.11
N GLY A 150 -21.44 -4.93 -9.13
CA GLY A 150 -21.15 -6.33 -9.36
C GLY A 150 -19.66 -6.46 -9.59
N GLU A 151 -19.20 -7.66 -9.92
CA GLU A 151 -17.78 -7.91 -10.15
C GLU A 151 -17.13 -7.06 -11.24
N ASP A 152 -17.93 -6.46 -12.10
CA ASP A 152 -17.42 -5.63 -13.19
C ASP A 152 -16.75 -4.35 -12.70
N TYR A 153 -16.98 -3.99 -11.43
CA TYR A 153 -16.35 -2.78 -10.92
C TYR A 153 -14.83 -2.92 -10.92
N VAL A 154 -14.36 -4.16 -10.84
CA VAL A 154 -12.92 -4.43 -10.85
C VAL A 154 -12.35 -4.02 -12.19
N ARG A 155 -13.00 -4.43 -13.27
CA ARG A 155 -12.56 -4.07 -14.61
C ARG A 155 -12.61 -2.55 -14.81
N ILE A 156 -13.74 -1.96 -14.44
CA ILE A 156 -13.95 -0.53 -14.59
C ILE A 156 -12.89 0.31 -13.87
N ALA A 157 -12.59 -0.03 -12.63
CA ALA A 157 -11.61 0.71 -11.85
C ALA A 157 -10.22 0.67 -12.50
N PHE A 158 -9.74 -0.54 -12.82
CA PHE A 158 -8.43 -0.69 -13.43
C PHE A 158 -8.32 -0.08 -14.83
N GLU A 159 -9.35 -0.24 -15.64
CA GLU A 159 -9.32 0.31 -16.99
C GLU A 159 -9.32 1.84 -16.97
N THR A 160 -10.07 2.43 -16.05
CA THR A 160 -10.14 3.88 -15.92
C THR A 160 -8.78 4.38 -15.46
N ALA A 161 -8.20 3.71 -14.46
CA ALA A 161 -6.88 4.08 -13.94
C ALA A 161 -5.80 4.01 -15.03
N ARG A 162 -5.82 2.92 -15.80
CA ARG A 162 -4.85 2.73 -16.87
C ARG A 162 -4.89 3.85 -17.89
N SER A 163 -6.08 4.27 -18.31
CA SER A 163 -6.18 5.33 -19.30
C SER A 163 -5.84 6.71 -18.75
N VAL A 164 -6.15 6.95 -17.47
CA VAL A 164 -5.89 8.24 -16.86
C VAL A 164 -4.39 8.47 -16.67
N ASP A 165 -3.68 7.48 -16.14
CA ASP A 165 -2.25 7.62 -15.95
C ASP A 165 -1.55 6.31 -16.30
N PRO A 166 -1.19 6.15 -17.58
CA PRO A 166 -0.51 4.93 -18.04
C PRO A 166 0.90 4.73 -17.49
N ASN A 167 1.41 5.72 -16.75
CA ASN A 167 2.75 5.64 -16.18
C ASN A 167 2.77 4.99 -14.78
N ALA A 168 1.62 4.95 -14.12
CA ALA A 168 1.55 4.37 -12.79
C ALA A 168 1.28 2.87 -12.82
N LYS A 169 1.87 2.15 -11.86
CA LYS A 169 1.68 0.71 -11.72
C LYS A 169 0.36 0.56 -10.98
N LEU A 170 -0.55 -0.24 -11.52
CA LEU A 170 -1.86 -0.45 -10.94
C LEU A 170 -1.91 -1.69 -10.05
N TYR A 171 -2.20 -1.47 -8.77
CA TYR A 171 -2.23 -2.54 -7.77
C TYR A 171 -3.57 -2.82 -7.12
N ILE A 172 -3.70 -4.05 -6.65
CA ILE A 172 -4.86 -4.49 -5.87
C ILE A 172 -4.13 -4.84 -4.55
N ASN A 173 -4.58 -4.23 -3.46
CA ASN A 173 -3.95 -4.38 -2.15
C ASN A 173 -4.85 -5.09 -1.14
N ASP A 174 -4.27 -5.86 -0.23
CA ASP A 174 -5.07 -6.55 0.78
C ASP A 174 -4.21 -7.05 1.93
N TYR A 175 -4.86 -7.36 3.04
CA TYR A 175 -4.17 -7.86 4.22
C TYR A 175 -4.47 -9.34 4.41
N ASN A 176 -3.71 -9.98 5.30
CA ASN A 176 -3.84 -11.41 5.58
C ASN A 176 -3.46 -12.31 4.41
N LEU A 177 -2.54 -11.85 3.57
CA LEU A 177 -2.03 -12.63 2.44
C LEU A 177 -0.62 -12.97 2.95
N ASP A 178 -0.58 -13.48 4.18
CA ASP A 178 0.66 -13.75 4.88
C ASP A 178 1.20 -15.17 5.02
N SER A 179 0.52 -16.16 4.46
CA SER A 179 1.02 -17.52 4.50
C SER A 179 0.43 -18.29 3.32
N ALA A 180 1.28 -19.10 2.68
CA ALA A 180 0.87 -19.90 1.54
C ALA A 180 -0.17 -20.91 2.00
N GLY A 181 -1.25 -21.02 1.25
CA GLY A 181 -2.30 -21.96 1.59
C GLY A 181 -3.50 -21.32 2.27
N TYR A 182 -3.36 -20.08 2.73
CA TYR A 182 -4.45 -19.38 3.39
C TYR A 182 -5.53 -19.07 2.35
N SER A 183 -6.79 -19.30 2.70
CA SER A 183 -7.93 -19.07 1.81
C SER A 183 -7.94 -17.76 1.06
N LYS A 184 -7.61 -16.67 1.75
CA LYS A 184 -7.58 -15.34 1.15
C LYS A 184 -6.48 -15.24 0.09
N VAL A 185 -5.36 -15.92 0.33
CA VAL A 185 -4.25 -15.93 -0.62
C VAL A 185 -4.70 -16.71 -1.86
N ASN A 186 -5.36 -17.84 -1.65
CA ASN A 186 -5.86 -18.65 -2.76
C ASN A 186 -6.87 -17.86 -3.57
N GLY A 187 -7.75 -17.13 -2.87
CA GLY A 187 -8.77 -16.32 -3.54
C GLY A 187 -8.18 -15.16 -4.32
N MET A 188 -7.16 -14.51 -3.77
CA MET A 188 -6.50 -13.40 -4.44
C MET A 188 -5.85 -13.94 -5.73
N VAL A 189 -5.17 -15.06 -5.61
CA VAL A 189 -4.50 -15.68 -6.74
C VAL A 189 -5.44 -16.12 -7.88
N SER A 190 -6.48 -16.88 -7.55
CA SER A 190 -7.40 -17.35 -8.59
C SER A 190 -8.15 -16.21 -9.28
N HIS A 191 -8.53 -15.18 -8.51
CA HIS A 191 -9.25 -14.05 -9.10
C HIS A 191 -8.36 -13.23 -10.03
N VAL A 192 -7.14 -12.92 -9.58
CA VAL A 192 -6.22 -12.15 -10.41
C VAL A 192 -5.88 -12.89 -11.71
N LYS A 193 -5.72 -14.21 -11.65
CA LYS A 193 -5.43 -15.01 -12.84
C LYS A 193 -6.59 -14.83 -13.83
N LYS A 194 -7.80 -14.89 -13.30
CA LYS A 194 -9.01 -14.72 -14.10
C LYS A 194 -9.08 -13.34 -14.71
N TRP A 195 -8.83 -12.32 -13.90
CA TRP A 195 -8.89 -10.93 -14.34
C TRP A 195 -7.80 -10.61 -15.37
N LEU A 196 -6.61 -11.15 -15.17
CA LEU A 196 -5.53 -10.92 -16.12
C LEU A 196 -5.83 -11.60 -17.45
N ALA A 197 -6.42 -12.80 -17.40
CA ALA A 197 -6.77 -13.54 -18.61
C ALA A 197 -7.86 -12.80 -19.40
N ALA A 198 -8.70 -12.05 -18.68
CA ALA A 198 -9.76 -11.27 -19.30
C ALA A 198 -9.27 -9.92 -19.81
N GLY A 199 -8.01 -9.59 -19.54
CA GLY A 199 -7.46 -8.34 -20.02
C GLY A 199 -7.50 -7.16 -19.08
N ILE A 200 -7.87 -7.41 -17.82
CA ILE A 200 -7.92 -6.33 -16.84
C ILE A 200 -6.48 -5.94 -16.51
N PRO A 201 -6.14 -4.65 -16.67
CA PRO A 201 -4.80 -4.14 -16.39
C PRO A 201 -4.34 -4.07 -14.94
N ILE A 202 -3.99 -5.22 -14.38
CA ILE A 202 -3.50 -5.27 -13.00
C ILE A 202 -2.00 -5.52 -13.04
N ASP A 203 -1.22 -4.50 -12.69
CA ASP A 203 0.23 -4.62 -12.70
C ASP A 203 0.83 -5.31 -11.49
N GLY A 204 0.21 -5.16 -10.32
CA GLY A 204 0.75 -5.78 -9.13
C GLY A 204 -0.22 -6.09 -8.03
N ILE A 205 0.23 -6.92 -7.10
CA ILE A 205 -0.56 -7.30 -5.93
C ILE A 205 0.19 -6.75 -4.73
N GLY A 206 -0.52 -6.02 -3.88
CA GLY A 206 0.11 -5.46 -2.69
C GLY A 206 -0.32 -6.27 -1.49
N SER A 207 0.64 -6.68 -0.67
CA SER A 207 0.32 -7.46 0.51
C SER A 207 0.66 -6.55 1.68
N GLN A 208 -0.37 -6.14 2.41
CA GLN A 208 -0.17 -5.25 3.55
C GLN A 208 0.88 -5.75 4.53
N THR A 209 0.70 -6.97 5.02
CA THR A 209 1.64 -7.58 5.97
C THR A 209 1.62 -6.96 7.37
N HIS A 210 0.43 -6.86 7.97
CA HIS A 210 0.29 -6.34 9.33
C HIS A 210 0.40 -7.61 10.17
N LEU A 211 1.57 -7.85 10.71
CA LEU A 211 1.84 -9.07 11.46
C LEU A 211 1.86 -9.02 12.98
N GLY A 212 1.73 -10.22 13.55
CA GLY A 212 1.80 -10.43 14.98
C GLY A 212 3.20 -10.99 15.17
N ALA A 213 3.65 -11.10 16.42
CA ALA A 213 4.99 -11.61 16.68
C ALA A 213 5.11 -13.08 16.23
N GLY A 214 6.24 -13.39 15.59
CA GLY A 214 6.50 -14.73 15.12
C GLY A 214 5.98 -15.09 13.73
N ALA A 215 5.14 -14.21 13.15
CA ALA A 215 4.56 -14.48 11.84
C ALA A 215 5.46 -14.15 10.63
N GLY A 216 6.63 -13.60 10.89
CA GLY A 216 7.54 -13.23 9.82
C GLY A 216 8.00 -14.36 8.90
N SER A 217 8.31 -15.53 9.46
CA SER A 217 8.81 -16.66 8.68
C SER A 217 7.87 -17.21 7.60
N ALA A 218 6.57 -16.97 7.71
CA ALA A 218 5.64 -17.52 6.72
C ALA A 218 5.44 -16.61 5.51
N VAL A 219 5.91 -15.37 5.61
CA VAL A 219 5.77 -14.38 4.54
C VAL A 219 6.45 -14.77 3.22
N ALA A 220 7.62 -15.42 3.29
CA ALA A 220 8.33 -15.85 2.08
C ALA A 220 7.47 -16.75 1.20
N GLY A 221 6.82 -17.74 1.82
CA GLY A 221 5.97 -18.64 1.10
C GLY A 221 4.74 -17.95 0.52
N ALA A 222 4.21 -16.97 1.26
CA ALA A 222 3.04 -16.21 0.84
C ALA A 222 3.35 -15.42 -0.42
N LEU A 223 4.52 -14.78 -0.45
CA LEU A 223 4.94 -14.02 -1.62
C LEU A 223 5.14 -14.96 -2.81
N ASN A 224 5.67 -16.14 -2.55
CA ASN A 224 5.88 -17.14 -3.61
C ASN A 224 4.55 -17.54 -4.20
N ALA A 225 3.55 -17.72 -3.34
CA ALA A 225 2.21 -18.08 -3.78
C ALA A 225 1.60 -16.95 -4.61
N LEU A 226 1.72 -15.72 -4.11
CA LEU A 226 1.17 -14.55 -4.80
C LEU A 226 1.81 -14.34 -6.17
N ALA A 227 3.07 -14.75 -6.32
CA ALA A 227 3.78 -14.61 -7.59
C ALA A 227 3.16 -15.49 -8.69
N SER A 228 2.38 -16.50 -8.28
CA SER A 228 1.74 -17.38 -9.25
C SER A 228 0.51 -16.77 -9.90
N ALA A 229 0.03 -15.64 -9.37
CA ALA A 229 -1.14 -14.97 -9.92
C ALA A 229 -0.85 -14.47 -11.33
N GLY A 230 0.42 -14.19 -11.60
CA GLY A 230 0.80 -13.74 -12.92
C GLY A 230 0.97 -12.26 -13.14
N THR A 231 0.94 -11.45 -12.07
CA THR A 231 1.13 -10.01 -12.25
C THR A 231 2.63 -9.74 -12.50
N LYS A 232 2.94 -8.57 -13.04
CA LYS A 232 4.33 -8.18 -13.31
C LYS A 232 5.14 -8.09 -12.02
N GLU A 233 4.53 -7.54 -10.98
CA GLU A 233 5.22 -7.37 -9.71
C GLU A 233 4.29 -7.50 -8.51
N ILE A 234 4.89 -7.53 -7.33
CA ILE A 234 4.16 -7.61 -6.08
C ILE A 234 4.95 -6.74 -5.10
N ALA A 235 4.37 -6.41 -3.95
CA ALA A 235 5.07 -5.61 -2.96
C ALA A 235 4.45 -5.74 -1.58
N ILE A 236 5.27 -5.51 -0.56
CA ILE A 236 4.84 -5.51 0.84
C ILE A 236 4.50 -4.02 1.03
N THR A 237 3.22 -3.74 1.20
CA THR A 237 2.75 -2.37 1.28
C THR A 237 2.57 -1.66 2.62
N GLU A 238 2.27 -2.40 3.68
CA GLU A 238 2.03 -1.77 4.98
C GLU A 238 2.61 -2.55 6.15
N LEU A 239 3.89 -2.85 6.07
CA LEU A 239 4.56 -3.63 7.09
C LEU A 239 4.71 -3.05 8.50
N ASP A 240 4.32 -3.87 9.48
CA ASP A 240 4.48 -3.59 10.89
C ASP A 240 4.32 -4.93 11.59
N ILE A 241 5.13 -5.16 12.61
CA ILE A 241 5.10 -6.44 13.32
C ILE A 241 5.07 -6.20 14.82
N ALA A 242 4.03 -6.67 15.49
CA ALA A 242 3.93 -6.51 16.93
C ALA A 242 5.22 -7.03 17.56
N GLY A 243 5.80 -6.22 18.45
CA GLY A 243 7.04 -6.60 19.11
C GLY A 243 8.29 -6.20 18.37
N ALA A 244 8.18 -5.96 17.06
CA ALA A 244 9.29 -5.55 16.21
C ALA A 244 10.60 -6.32 16.40
N SER A 245 10.52 -7.64 16.55
CA SER A 245 11.72 -8.46 16.73
C SER A 245 12.58 -8.49 15.47
N SER A 246 13.89 -8.59 15.68
CA SER A 246 14.83 -8.64 14.57
C SER A 246 14.56 -9.87 13.68
N THR A 247 14.27 -11.00 14.30
CA THR A 247 13.99 -12.23 13.55
C THR A 247 12.82 -12.01 12.59
N ASP A 248 11.72 -11.46 13.09
CA ASP A 248 10.53 -11.18 12.27
C ASP A 248 10.81 -10.23 11.14
N TYR A 249 11.43 -9.10 11.47
CA TYR A 249 11.74 -8.09 10.48
C TYR A 249 12.72 -8.55 9.42
N VAL A 250 13.77 -9.26 9.83
CA VAL A 250 14.75 -9.77 8.89
C VAL A 250 14.11 -10.87 8.02
N ASN A 251 13.25 -11.68 8.62
CA ASN A 251 12.56 -12.72 7.87
C ASN A 251 11.72 -12.10 6.75
N VAL A 252 10.98 -11.04 7.08
CA VAL A 252 10.13 -10.35 6.11
C VAL A 252 10.95 -9.66 5.02
N VAL A 253 12.07 -9.05 5.39
CA VAL A 253 12.93 -8.39 4.41
C VAL A 253 13.52 -9.42 3.44
N ASN A 254 13.94 -10.57 3.98
CA ASN A 254 14.49 -11.65 3.17
C ASN A 254 13.42 -12.25 2.26
N ALA A 255 12.18 -12.28 2.75
CA ALA A 255 11.05 -12.79 1.99
C ALA A 255 10.93 -12.03 0.67
N CYS A 256 11.08 -10.72 0.73
CA CYS A 256 11.00 -9.87 -0.46
C CYS A 256 12.29 -9.95 -1.28
N LEU A 257 13.42 -9.88 -0.58
CA LEU A 257 14.72 -9.94 -1.22
C LEU A 257 14.90 -11.16 -2.12
N ASN A 258 14.38 -12.29 -1.68
CA ASN A 258 14.53 -13.56 -2.40
C ASN A 258 13.43 -13.94 -3.37
N GLN A 259 12.52 -13.00 -3.64
CA GLN A 259 11.43 -13.23 -4.57
C GLN A 259 11.61 -12.17 -5.65
N ALA A 260 11.84 -12.60 -6.89
CA ALA A 260 12.06 -11.71 -8.03
C ALA A 260 10.97 -10.65 -8.30
N LYS A 261 9.72 -10.99 -8.03
CA LYS A 261 8.62 -10.06 -8.29
C LYS A 261 8.43 -8.97 -7.25
N CYS A 262 8.99 -9.15 -6.06
CA CYS A 262 8.85 -8.16 -4.99
C CYS A 262 9.74 -6.94 -5.25
N VAL A 263 9.13 -5.84 -5.67
CA VAL A 263 9.89 -4.63 -5.98
C VAL A 263 10.27 -3.77 -4.77
N GLY A 264 9.55 -3.91 -3.67
CA GLY A 264 9.89 -3.11 -2.51
C GLY A 264 9.07 -3.38 -1.28
N ILE A 265 9.42 -2.69 -0.21
CA ILE A 265 8.75 -2.82 1.07
C ILE A 265 8.45 -1.44 1.61
N THR A 266 7.22 -1.24 2.10
CA THR A 266 6.81 0.02 2.72
C THR A 266 6.43 -0.36 4.16
N VAL A 267 7.07 0.29 5.13
CA VAL A 267 6.77 0.05 6.55
C VAL A 267 5.68 1.07 6.90
N TRP A 268 4.61 0.61 7.55
CA TRP A 268 3.49 1.48 7.90
C TRP A 268 3.77 2.39 9.09
N GLY A 269 4.73 3.30 8.92
CA GLY A 269 5.10 4.22 9.98
C GLY A 269 6.59 4.25 10.22
N VAL A 270 7.06 5.32 10.84
CA VAL A 270 8.48 5.46 11.13
C VAL A 270 8.75 5.08 12.59
N ALA A 271 8.16 5.84 13.51
CA ALA A 271 8.35 5.61 14.94
C ALA A 271 7.10 5.12 15.65
N ASP A 272 7.31 4.27 16.65
CA ASP A 272 6.23 3.68 17.44
C ASP A 272 5.06 4.56 17.91
N PRO A 273 5.34 5.76 18.47
CA PRO A 273 4.24 6.62 18.92
C PRO A 273 3.25 7.00 17.83
N ASP A 274 3.72 7.06 16.59
CA ASP A 274 2.86 7.44 15.47
C ASP A 274 2.22 6.27 14.75
N SER A 275 2.40 5.07 15.29
CA SER A 275 1.84 3.86 14.70
C SER A 275 0.34 3.72 14.99
N TRP A 276 -0.41 3.19 14.03
CA TRP A 276 -1.83 2.97 14.24
C TRP A 276 -2.02 1.78 15.19
N ARG A 277 -0.92 1.10 15.50
CA ARG A 277 -0.88 -0.05 16.41
C ARG A 277 0.21 0.24 17.45
N SER A 278 0.29 1.49 17.91
CA SER A 278 1.31 1.93 18.86
C SER A 278 1.50 1.10 20.13
N SER A 279 0.45 0.49 20.66
CA SER A 279 0.57 -0.30 21.88
C SER A 279 1.38 -1.59 21.69
N SER A 280 1.59 -1.98 20.44
CA SER A 280 2.37 -3.18 20.17
C SER A 280 3.81 -2.90 19.75
N SER A 281 4.19 -1.61 19.75
CA SER A 281 5.54 -1.18 19.36
C SER A 281 6.00 -1.98 18.14
N PRO A 282 5.25 -1.90 17.04
CA PRO A 282 5.53 -2.61 15.79
C PRO A 282 6.44 -2.00 14.71
N LEU A 283 7.05 -0.86 14.99
CA LEU A 283 7.90 -0.18 14.00
C LEU A 283 9.42 -0.26 14.22
N LEU A 284 10.18 0.35 13.31
CA LEU A 284 11.64 0.32 13.37
C LEU A 284 12.29 1.40 14.25
N PHE A 285 11.56 2.46 14.56
CA PHE A 285 12.10 3.52 15.41
C PHE A 285 11.24 3.61 16.65
N ASP A 286 11.87 3.91 17.79
CA ASP A 286 11.16 3.97 19.06
C ASP A 286 10.55 5.33 19.45
N GLY A 287 10.11 5.39 20.70
CA GLY A 287 9.50 6.61 21.25
C GLY A 287 10.37 7.84 21.19
N ASN A 288 11.68 7.63 21.06
CA ASN A 288 12.63 8.73 20.96
C ASN A 288 13.08 8.94 19.52
N TYR A 289 12.39 8.32 18.58
CA TYR A 289 12.71 8.43 17.15
C TYR A 289 14.14 7.95 16.85
N ASN A 290 14.59 6.96 17.62
CA ASN A 290 15.92 6.37 17.49
C ASN A 290 15.76 4.94 16.93
N PRO A 291 16.73 4.48 16.13
CA PRO A 291 16.67 3.15 15.54
C PRO A 291 16.60 2.06 16.60
N LYS A 292 15.71 1.09 16.39
CA LYS A 292 15.58 -0.02 17.31
C LYS A 292 16.51 -1.13 16.80
N ALA A 293 16.62 -2.21 17.55
CA ALA A 293 17.50 -3.32 17.16
C ALA A 293 17.19 -3.90 15.78
N ALA A 294 15.90 -4.07 15.48
CA ALA A 294 15.45 -4.61 14.20
C ALA A 294 15.93 -3.80 12.99
N TYR A 295 16.01 -2.48 13.16
CA TYR A 295 16.47 -1.62 12.07
C TYR A 295 17.91 -1.99 11.72
N ASN A 296 18.75 -2.12 12.73
CA ASN A 296 20.16 -2.47 12.51
C ASN A 296 20.26 -3.89 11.96
N ALA A 297 19.38 -4.77 12.44
CA ALA A 297 19.37 -6.15 11.98
C ALA A 297 19.10 -6.18 10.49
N ILE A 298 18.13 -5.39 10.04
CA ILE A 298 17.78 -5.32 8.62
C ILE A 298 18.99 -4.81 7.84
N ALA A 299 19.64 -3.76 8.35
CA ALA A 299 20.80 -3.18 7.68
C ALA A 299 21.93 -4.20 7.55
N ASN A 300 22.20 -4.93 8.62
CA ASN A 300 23.26 -5.92 8.62
C ASN A 300 22.94 -7.17 7.81
N ALA A 301 21.66 -7.32 7.43
CA ALA A 301 21.25 -8.47 6.64
C ALA A 301 21.36 -8.18 5.14
N LEU A 302 21.51 -6.90 4.80
CA LEU A 302 21.62 -6.48 3.41
C LEU A 302 23.06 -6.10 3.04
#